data_3O7V
#
_entry.id   3O7V
#
_cell.length_a   44.460
_cell.length_b   44.460
_cell.length_c   147.197
_cell.angle_alpha   90.000
_cell.angle_beta   90.000
_cell.angle_gamma   90.000
#
_symmetry.space_group_name_H-M   'P 41 2 2'
#
loop_
_entity.id
_entity.type
_entity.pdbx_description
1 polymer 'Piwi-like protein 1'
2 polymer "RNA (5'-R(*GP*CP*GP*AP*AP*UP*AP*UP*UP*CP*GP*CP*UP*(OMU))-3')"
3 water water
#
loop_
_entity_poly.entity_id
_entity_poly.type
_entity_poly.pdbx_seq_one_letter_code
_entity_poly.pdbx_strand_id
1 'polypeptide(L)'
;SETVLDF(MSE)FNFYHQTEEHKFQEQVSKELIGLVVLTKYNNKTYRVDDIDWDQNPKSTFKKADGSEVSFLEYYRKQYN
QEITDLKQP(MSE)LVSQPKRRRGPGGTLPGPA(MSE)LIPELCYLTGLTDKMRND
;
X
2 'polyribonucleotide' GCGAAUAUUCGCU(OMU) A
#
# COMPACT_ATOMS: atom_id res chain seq x y z
N GLU A 2 -7.54 -11.79 3.14
CA GLU A 2 -7.00 -10.83 4.15
C GLU A 2 -6.15 -9.78 3.44
N THR A 3 -6.43 -8.51 3.69
CA THR A 3 -5.66 -7.46 3.08
C THR A 3 -4.40 -7.17 3.89
N VAL A 4 -3.47 -6.45 3.28
CA VAL A 4 -2.27 -5.94 3.96
C VAL A 4 -2.66 -5.04 5.16
N LEU A 5 -3.65 -4.17 4.97
CA LEU A 5 -4.15 -3.37 6.08
C LEU A 5 -4.65 -4.23 7.26
N ASP A 6 -5.44 -5.27 6.97
CA ASP A 6 -5.93 -6.19 8.02
C ASP A 6 -4.74 -6.78 8.77
N PHE A 7 -3.73 -7.19 8.00
CA PHE A 7 -2.53 -7.84 8.50
C PHE A 7 -1.69 -6.93 9.41
N PHE A 9 -2.41 -4.66 11.42
CA PHE A 9 -2.93 -4.63 12.76
C PHE A 9 -3.01 -6.03 13.42
N ASN A 10 -3.35 -7.06 12.65
CA ASN A 10 -3.43 -8.44 13.19
C ASN A 10 -2.13 -9.20 13.52
N PHE A 11 -1.05 -9.00 12.74
CA PHE A 11 0.15 -9.86 12.88
C PHE A 11 0.92 -9.62 14.19
N TYR A 12 1.21 -8.36 14.49
CA TYR A 12 1.86 -8.02 15.73
C TYR A 12 1.36 -6.71 16.31
N HIS A 13 1.03 -6.76 17.60
CA HIS A 13 0.44 -5.64 18.31
C HIS A 13 1.49 -4.94 19.15
N GLN A 14 1.51 -3.62 19.07
CA GLN A 14 2.59 -2.82 19.58
C GLN A 14 2.15 -1.40 19.90
N THR A 15 2.18 -1.08 21.19
CA THR A 15 1.76 0.23 21.72
C THR A 15 2.75 1.37 21.40
N GLU A 16 4.04 1.02 21.39
CA GLU A 16 5.09 1.97 21.02
C GLU A 16 5.09 2.09 19.50
N GLU A 17 4.76 3.29 19.03
CA GLU A 17 4.53 3.55 17.60
C GLU A 17 5.74 3.29 16.69
N HIS A 18 6.92 3.79 17.06
CA HIS A 18 8.14 3.52 16.31
C HIS A 18 8.41 2.03 16.17
N LYS A 19 8.24 1.28 17.27
CA LYS A 19 8.40 -0.17 17.26
C LYS A 19 7.39 -0.86 16.35
N PHE A 20 6.13 -0.43 16.42
CA PHE A 20 5.08 -0.87 15.46
C PHE A 20 5.54 -0.69 14.02
N GLN A 21 6.01 0.52 13.71
CA GLN A 21 6.42 0.87 12.34
C GLN A 21 7.63 0.07 11.85
N GLU A 22 8.64 -0.10 12.70
CA GLU A 22 9.82 -0.88 12.30
C GLU A 22 9.46 -2.34 12.04
N GLN A 23 8.69 -2.92 12.95
CA GLN A 23 8.25 -4.32 12.91
C GLN A 23 7.36 -4.65 11.70
N VAL A 24 6.38 -3.78 11.40
CA VAL A 24 5.48 -3.98 10.27
C VAL A 24 6.30 -3.93 8.99
N SER A 25 7.21 -2.97 8.94
CA SER A 25 8.12 -2.80 7.84
C SER A 25 9.03 -4.03 7.72
N LYS A 26 9.49 -4.56 8.85
CA LYS A 26 10.26 -5.80 8.88
C LYS A 26 9.42 -6.99 8.41
N GLU A 27 8.16 -7.04 8.85
CA GLU A 27 7.25 -8.14 8.50
C GLU A 27 6.71 -8.10 7.07
N LEU A 28 6.69 -6.91 6.43
CA LEU A 28 6.15 -6.77 5.08
C LEU A 28 7.16 -6.67 3.96
N ILE A 29 8.31 -6.04 4.20
CA ILE A 29 9.28 -5.79 3.15
C ILE A 29 9.84 -7.10 2.61
N GLY A 30 9.59 -7.35 1.32
CA GLY A 30 9.98 -8.59 0.67
C GLY A 30 8.80 -9.45 0.24
N LEU A 31 7.62 -9.20 0.82
CA LEU A 31 6.46 -10.02 0.49
C LEU A 31 5.78 -9.57 -0.79
N VAL A 32 5.06 -10.48 -1.42
CA VAL A 32 4.41 -10.23 -2.71
C VAL A 32 2.95 -10.02 -2.44
N VAL A 33 2.41 -8.89 -2.87
CA VAL A 33 0.99 -8.65 -2.73
C VAL A 33 0.30 -8.71 -4.07
N LEU A 34 -1.01 -8.92 -4.05
CA LEU A 34 -1.85 -8.83 -5.23
C LEU A 34 -2.86 -7.74 -5.00
N THR A 35 -2.93 -6.79 -5.93
CA THR A 35 -3.98 -5.79 -5.86
C THR A 35 -5.35 -6.43 -6.15
N LYS A 36 -6.39 -6.05 -5.40
CA LYS A 36 -7.71 -6.71 -5.53
C LYS A 36 -8.45 -6.28 -6.81
N TYR A 37 -7.97 -5.22 -7.45
CA TYR A 37 -8.73 -4.54 -8.49
C TYR A 37 -8.03 -4.61 -9.86
N ASN A 38 -6.94 -5.37 -9.93
CA ASN A 38 -6.14 -5.54 -11.15
C ASN A 38 -5.23 -6.72 -10.91
N ASN A 39 -5.27 -7.73 -11.79
CA ASN A 39 -4.52 -8.97 -11.54
C ASN A 39 -3.00 -8.86 -11.75
N LYS A 40 -2.41 -7.93 -11.01
CA LYS A 40 -0.96 -7.73 -10.99
C LYS A 40 -0.43 -7.96 -9.59
N THR A 41 0.75 -8.53 -9.47
CA THR A 41 1.39 -8.63 -8.17
C THR A 41 2.64 -7.75 -8.10
N TYR A 42 3.02 -7.37 -6.88
CA TYR A 42 4.13 -6.48 -6.64
C TYR A 42 4.92 -6.98 -5.43
N ARG A 43 6.24 -6.88 -5.52
CA ARG A 43 7.10 -7.02 -4.36
C ARG A 43 7.05 -5.74 -3.52
N VAL A 44 6.76 -5.87 -2.21
CA VAL A 44 6.86 -4.73 -1.30
C VAL A 44 8.33 -4.41 -1.01
N ASP A 45 8.81 -3.28 -1.54
CA ASP A 45 10.20 -2.87 -1.37
C ASP A 45 10.43 -1.97 -0.16
N ASP A 46 9.40 -1.25 0.23
CA ASP A 46 9.47 -0.31 1.34
C ASP A 46 8.05 0.11 1.71
N ILE A 47 7.92 0.67 2.91
CA ILE A 47 6.67 1.28 3.36
C ILE A 47 6.89 2.78 3.59
N ASP A 48 6.08 3.59 2.93
CA ASP A 48 6.20 5.03 3.04
C ASP A 48 5.19 5.53 4.06
N TRP A 49 5.66 5.70 5.29
CA TRP A 49 4.85 6.23 6.38
C TRP A 49 4.56 7.73 6.26
N ASP A 50 5.28 8.42 5.35
CA ASP A 50 5.07 9.85 5.08
C ASP A 50 4.04 10.12 3.99
N GLN A 51 3.46 9.05 3.44
CA GLN A 51 2.38 9.23 2.48
C GLN A 51 1.12 8.51 2.94
N ASN A 52 -0.01 8.94 2.42
CA ASN A 52 -1.30 8.31 2.72
C ASN A 52 -2.23 8.44 1.50
N PRO A 53 -3.47 7.92 1.58
CA PRO A 53 -4.31 7.93 0.39
C PRO A 53 -4.72 9.31 -0.12
N LYS A 54 -4.61 10.34 0.72
CA LYS A 54 -4.88 11.71 0.26
C LYS A 54 -3.64 12.33 -0.40
N SER A 55 -2.52 11.62 -0.41
CA SER A 55 -1.34 12.09 -1.16
C SER A 55 -1.62 12.02 -2.66
N THR A 56 -0.84 12.78 -3.41
CA THR A 56 -1.06 12.91 -4.84
C THR A 56 0.12 12.38 -5.61
N PHE A 57 -0.14 11.88 -6.82
CA PHE A 57 0.91 11.56 -7.80
C PHE A 57 0.60 12.12 -9.19
N LYS A 58 1.64 12.20 -10.02
CA LYS A 58 1.55 12.72 -11.38
C LYS A 58 1.29 11.52 -12.30
N LYS A 59 0.13 11.52 -12.97
CA LYS A 59 -0.25 10.39 -13.83
C LYS A 59 0.58 10.34 -15.10
N ALA A 60 0.57 9.18 -15.74
CA ALA A 60 1.33 8.94 -16.97
C ALA A 60 1.17 10.12 -17.92
N ASP A 61 -0.07 10.59 -18.02
CA ASP A 61 -0.48 11.63 -18.97
C ASP A 61 -0.09 13.06 -18.57
N GLY A 62 0.30 13.25 -17.30
CA GLY A 62 0.77 14.56 -16.82
C GLY A 62 -0.10 15.26 -15.78
N SER A 63 -1.34 14.80 -15.60
CA SER A 63 -2.25 15.43 -14.64
C SER A 63 -2.02 14.87 -13.24
N GLU A 64 -2.31 15.67 -12.21
CA GLU A 64 -2.12 15.20 -10.84
C GLU A 64 -3.42 14.73 -10.20
N VAL A 65 -3.36 13.61 -9.48
CA VAL A 65 -4.49 13.10 -8.74
C VAL A 65 -4.08 12.52 -7.38
N SER A 66 -4.99 12.55 -6.41
CA SER A 66 -4.80 11.82 -5.17
C SER A 66 -5.03 10.34 -5.41
N PHE A 67 -4.44 9.49 -4.59
CA PHE A 67 -4.70 8.07 -4.67
C PHE A 67 -6.21 7.79 -4.48
N LEU A 68 -6.83 8.50 -3.54
CA LEU A 68 -8.28 8.47 -3.38
C LEU A 68 -9.02 8.60 -4.73
N GLU A 69 -8.76 9.67 -5.47
CA GLU A 69 -9.43 9.94 -6.75
C GLU A 69 -9.07 8.89 -7.78
N TYR A 70 -7.78 8.55 -7.82
CA TYR A 70 -7.29 7.60 -8.81
C TYR A 70 -8.08 6.30 -8.74
N TYR A 71 -8.07 5.69 -7.55
CA TYR A 71 -8.70 4.40 -7.35
C TYR A 71 -10.22 4.39 -7.52
N ARG A 72 -10.86 5.51 -7.18
CA ARG A 72 -12.31 5.65 -7.39
C ARG A 72 -12.66 5.79 -8.87
N LYS A 73 -11.96 6.67 -9.56
CA LYS A 73 -12.22 6.93 -10.99
C LYS A 73 -11.83 5.77 -11.90
N GLN A 74 -10.71 5.11 -11.60
CA GLN A 74 -10.15 4.06 -12.46
C GLN A 74 -10.76 2.67 -12.23
N TYR A 75 -11.12 2.38 -10.97
CA TYR A 75 -11.52 1.01 -10.59
C TYR A 75 -12.76 0.98 -9.72
N ASN A 76 -13.35 2.14 -9.46
CA ASN A 76 -14.44 2.29 -8.49
C ASN A 76 -14.11 1.58 -7.17
N GLN A 77 -12.87 1.74 -6.73
CA GLN A 77 -12.45 1.23 -5.43
C GLN A 77 -12.41 2.41 -4.46
N GLU A 78 -13.20 2.27 -3.40
CA GLU A 78 -13.29 3.29 -2.36
C GLU A 78 -12.32 2.91 -1.24
N ILE A 79 -11.48 3.85 -0.85
CA ILE A 79 -10.50 3.65 0.19
C ILE A 79 -11.03 4.31 1.45
N THR A 80 -11.27 3.51 2.49
CA THR A 80 -12.00 3.99 3.67
C THR A 80 -11.09 4.54 4.77
N ASP A 81 -9.86 4.04 4.84
CA ASP A 81 -8.94 4.35 5.93
C ASP A 81 -7.87 5.32 5.44
N LEU A 82 -7.92 6.54 5.95
CA LEU A 82 -7.09 7.62 5.45
C LEU A 82 -5.70 7.69 6.12
N LYS A 83 -5.55 7.01 7.26
CA LYS A 83 -4.31 7.13 8.02
C LYS A 83 -3.20 6.17 7.55
N GLN A 84 -3.59 5.14 6.81
CA GLN A 84 -2.68 4.05 6.38
C GLN A 84 -1.50 4.50 5.51
N PRO A 85 -0.36 3.80 5.64
CA PRO A 85 0.82 4.17 4.86
C PRO A 85 0.70 3.65 3.43
N LEU A 87 2.54 1.40 0.33
CA LEU A 87 3.55 0.36 0.06
C LEU A 87 4.31 0.77 -1.21
N VAL A 88 5.63 0.66 -1.18
CA VAL A 88 6.45 1.06 -2.32
C VAL A 88 6.94 -0.16 -3.10
N SER A 89 6.66 -0.21 -4.39
CA SER A 89 7.20 -1.25 -5.26
C SER A 89 8.01 -0.60 -6.38
N GLN A 90 9.29 -0.95 -6.43
CA GLN A 90 10.25 -0.42 -7.40
C GLN A 90 10.45 -1.38 -8.59
N PRO A 91 9.92 -1.03 -9.78
CA PRO A 91 10.18 -1.77 -11.03
C PRO A 91 11.65 -1.86 -11.43
N LYS A 92 11.90 -2.40 -12.64
CA LYS A 92 13.24 -2.56 -13.24
C LYS A 92 14.17 -3.51 -12.51
N GLY A 103 10.08 5.77 -11.27
CA GLY A 103 8.77 6.07 -10.68
C GLY A 103 8.10 4.83 -10.09
N PRO A 104 8.17 4.68 -8.75
CA PRO A 104 7.67 3.46 -8.11
C PRO A 104 6.14 3.42 -8.13
N ALA A 105 5.56 2.23 -8.04
CA ALA A 105 4.12 2.12 -7.87
C ALA A 105 3.87 2.18 -6.37
N LEU A 107 1.25 1.48 -3.50
CA LEU A 107 0.04 0.70 -3.35
C LEU A 107 -0.63 0.96 -2.01
N ILE A 108 -1.97 0.86 -2.01
CA ILE A 108 -2.77 1.05 -0.81
C ILE A 108 -2.92 -0.29 -0.09
N PRO A 109 -2.45 -0.38 1.16
CA PRO A 109 -2.57 -1.62 1.93
C PRO A 109 -3.99 -2.23 1.95
N GLU A 110 -5.01 -1.40 2.12
CA GLU A 110 -6.41 -1.84 2.16
C GLU A 110 -6.87 -2.50 0.83
N LEU A 111 -6.15 -2.22 -0.26
CA LEU A 111 -6.49 -2.73 -1.61
C LEU A 111 -5.64 -3.92 -2.08
N CYS A 112 -4.79 -4.44 -1.20
CA CYS A 112 -3.82 -5.49 -1.55
C CYS A 112 -3.97 -6.73 -0.69
N TYR A 113 -4.00 -7.91 -1.32
CA TYR A 113 -4.04 -9.14 -0.59
C TYR A 113 -2.64 -9.63 -0.37
N LEU A 114 -2.42 -10.26 0.78
CA LEU A 114 -1.14 -10.88 1.06
C LEU A 114 -0.96 -12.17 0.29
N THR A 115 0.29 -12.64 0.29
CA THR A 115 0.71 -13.77 -0.54
C THR A 115 1.92 -14.46 0.14
N GLY A 116 2.08 -15.77 -0.09
CA GLY A 116 3.34 -16.45 0.21
C GLY A 116 4.37 -15.92 -0.79
N LEU A 117 5.53 -15.50 -0.29
CA LEU A 117 6.37 -14.58 -1.04
C LEU A 117 7.86 -14.59 -0.76
N THR A 118 8.64 -14.35 -1.82
CA THR A 118 10.08 -14.07 -1.73
C THR A 118 10.37 -12.64 -2.20
#